data_7CQE
#
_entry.id   7CQE
#
_cell.length_a   116.118
_cell.length_b   69.203
_cell.length_c   92.606
_cell.angle_alpha   90.000
_cell.angle_beta   118.420
_cell.angle_gamma   90.000
#
_symmetry.space_group_name_H-M   'C 1 2 1'
#
loop_
_entity.id
_entity.type
_entity.pdbx_description
1 polymer 'Tyrosine-protein kinase Mer'
2 non-polymer 'CHLORIDE ION'
3 non-polymer 5-(3-fluorophenyl)-N-[(3S)-3-piperidyl]-3-ureido-thiophene-2-carboxamide
4 water water
#
_entity_poly.entity_id   1
_entity_poly.type   'polypeptide(L)'
_entity_poly.pdbx_seq_one_letter_code
;EELQNKLEDVVIDRNLLILGKILGEGEFGSVMEGNLKQEDGTSLKVAVKTMKLDNSSQREIEEFLSEAACMKDFSHPNVI
RLLGVCIEMSSQGIPKPMVILPFMKYGDLHTYLLYSRLETGPKHIPLQTLLKFMVDIALGMEYLSNRNFLHRDLAARNCM
LRDDMTVCVADFGLSKKIYSGDYYRQGRIAKMPVKWIAIESLADRVYTSKSDVWAFGVTMWEIATRGMTPYPGVQNHEMY
DYLLHGHRLKQPEDCLDELYEIMYSCWRTDPLDRPTFSVLRLQLEKLLESLPDV
;
_entity_poly.pdbx_strand_id   A,C
#
# COMPACT_ATOMS: atom_id res chain seq x y z
N GLU A 8 -33.28 -24.00 -8.25
CA GLU A 8 -32.53 -24.12 -9.54
C GLU A 8 -31.52 -25.27 -9.43
N ASP A 9 -30.74 -25.51 -10.48
CA ASP A 9 -29.60 -26.48 -10.47
C ASP A 9 -28.34 -25.79 -9.93
N VAL A 10 -28.45 -24.57 -9.37
CA VAL A 10 -27.32 -23.74 -8.86
C VAL A 10 -27.20 -23.93 -7.35
N VAL A 11 -28.33 -24.15 -6.67
CA VAL A 11 -28.42 -24.30 -5.19
C VAL A 11 -27.75 -25.63 -4.80
N ILE A 12 -26.85 -25.61 -3.82
CA ILE A 12 -26.21 -26.83 -3.27
C ILE A 12 -26.81 -27.05 -1.87
N ASP A 13 -27.08 -28.29 -1.50
CA ASP A 13 -27.60 -28.58 -0.14
C ASP A 13 -26.55 -28.22 0.91
N ARG A 14 -26.97 -27.50 1.96
CA ARG A 14 -26.12 -27.08 3.10
C ARG A 14 -25.40 -28.29 3.75
N ASN A 15 -25.95 -29.50 3.64
CA ASN A 15 -25.41 -30.74 4.27
C ASN A 15 -24.16 -31.25 3.53
N LEU A 16 -24.00 -30.91 2.25
CA LEU A 16 -22.80 -31.31 1.47
C LEU A 16 -21.63 -30.38 1.77
N LEU A 17 -21.83 -29.36 2.58
CA LEU A 17 -20.79 -28.32 2.83
C LEU A 17 -20.35 -28.35 4.28
N ILE A 18 -19.05 -28.44 4.54
CA ILE A 18 -18.53 -28.27 5.94
C ILE A 18 -17.58 -27.05 5.92
N LEU A 19 -17.89 -26.03 6.74
CA LEU A 19 -17.20 -24.71 6.79
C LEU A 19 -15.96 -24.74 7.71
N GLY A 20 -14.87 -24.10 7.30
CA GLY A 20 -13.60 -24.05 8.05
C GLY A 20 -13.23 -22.65 8.51
N LYS A 21 -11.93 -22.36 8.56
CA LYS A 21 -11.31 -21.08 9.03
C LYS A 21 -11.50 -19.96 8.01
N ILE A 22 -11.55 -18.72 8.50
CA ILE A 22 -11.74 -17.49 7.67
C ILE A 22 -10.44 -17.28 6.90
N LEU A 23 -10.50 -17.01 5.60
CA LEU A 23 -9.31 -16.83 4.70
C LEU A 23 -9.07 -15.35 4.38
N GLY A 24 -10.10 -14.49 4.52
CA GLY A 24 -10.15 -13.16 3.89
C GLY A 24 -11.42 -12.42 4.29
N GLU A 25 -11.60 -11.21 3.73
CA GLU A 25 -12.74 -10.29 4.06
C GLU A 25 -13.28 -9.67 2.77
N GLY A 26 -14.41 -10.19 2.25
CA GLY A 26 -15.06 -9.72 0.99
C GLY A 26 -16.45 -10.30 0.77
N GLY A 29 -18.96 -9.69 3.22
CA GLY A 29 -18.70 -10.23 4.58
C GLY A 29 -17.31 -10.89 4.78
N SER A 30 -17.24 -12.22 4.99
CA SER A 30 -15.98 -13.00 5.10
C SER A 30 -15.92 -14.14 4.07
N VAL A 31 -14.70 -14.62 3.74
CA VAL A 31 -14.48 -15.78 2.83
C VAL A 31 -13.78 -16.90 3.62
N MET A 32 -14.31 -18.12 3.54
CA MET A 32 -13.91 -19.25 4.42
C MET A 32 -13.42 -20.43 3.56
N GLU A 33 -12.51 -21.18 4.14
CA GLU A 33 -12.14 -22.57 3.79
C GLU A 33 -13.38 -23.51 3.93
N GLY A 34 -13.46 -24.52 3.09
CA GLY A 34 -14.62 -25.43 3.04
C GLY A 34 -14.32 -26.75 2.35
N ASN A 35 -15.14 -27.76 2.70
CA ASN A 35 -15.24 -29.08 2.03
C ASN A 35 -16.62 -29.15 1.35
N LEU A 36 -16.61 -29.39 0.05
CA LEU A 36 -17.84 -29.72 -0.73
C LEU A 36 -17.88 -31.23 -1.00
N LYS A 37 -18.92 -31.89 -0.50
CA LYS A 37 -19.22 -33.30 -0.86
C LYS A 37 -19.81 -33.28 -2.27
N GLN A 38 -19.20 -34.04 -3.19
CA GLN A 38 -19.51 -34.06 -4.64
C GLN A 38 -20.28 -35.32 -5.04
N GLU A 39 -20.89 -35.28 -6.23
CA GLU A 39 -21.87 -36.28 -6.72
C GLU A 39 -21.20 -37.66 -6.76
N ASP A 40 -19.86 -37.72 -6.87
CA ASP A 40 -19.09 -38.98 -7.02
C ASP A 40 -18.55 -39.51 -5.69
N GLY A 41 -19.00 -39.01 -4.53
CA GLY A 41 -18.57 -39.49 -3.19
C GLY A 41 -17.24 -38.90 -2.68
N THR A 42 -16.50 -38.15 -3.50
CA THR A 42 -15.25 -37.46 -3.09
C THR A 42 -15.60 -36.08 -2.52
N SER A 43 -14.73 -35.50 -1.69
CA SER A 43 -14.87 -34.13 -1.13
C SER A 43 -13.86 -33.21 -1.84
N LEU A 44 -14.26 -31.96 -2.07
CA LEU A 44 -13.52 -30.94 -2.86
C LEU A 44 -13.23 -29.73 -1.96
N LYS A 45 -12.01 -29.20 -2.02
CA LYS A 45 -11.63 -28.01 -1.22
C LYS A 45 -12.32 -26.80 -1.86
N VAL A 46 -13.07 -26.03 -1.09
CA VAL A 46 -13.80 -24.86 -1.64
C VAL A 46 -13.49 -23.61 -0.80
N ALA A 47 -13.62 -22.43 -1.40
CA ALA A 47 -13.76 -21.19 -0.61
C ALA A 47 -15.25 -20.85 -0.59
N VAL A 48 -15.74 -20.45 0.58
CA VAL A 48 -17.17 -20.10 0.77
C VAL A 48 -17.24 -18.62 1.14
N LYS A 49 -17.87 -17.79 0.32
CA LYS A 49 -17.94 -16.35 0.62
C LYS A 49 -19.40 -15.95 0.88
N THR A 50 -19.65 -15.42 2.08
CA THR A 50 -20.95 -14.85 2.52
C THR A 50 -21.27 -13.61 1.68
N MET A 51 -22.52 -13.12 1.71
CA MET A 51 -23.05 -12.01 0.86
C MET A 51 -23.83 -11.01 1.73
N LYS A 52 -23.65 -9.69 1.50
CA LYS A 52 -24.48 -8.61 2.10
C LYS A 52 -25.69 -8.35 1.18
N ARG A 59 -37.53 -13.53 -3.22
CA ARG A 59 -37.32 -12.27 -2.46
C ARG A 59 -36.31 -11.38 -3.22
N GLU A 60 -35.39 -10.74 -2.50
CA GLU A 60 -34.08 -10.24 -3.00
C GLU A 60 -33.18 -11.46 -3.32
N ILE A 61 -33.34 -12.60 -2.65
CA ILE A 61 -32.48 -13.80 -2.87
C ILE A 61 -32.81 -14.44 -4.22
N GLU A 62 -34.01 -14.19 -4.75
CA GLU A 62 -34.41 -14.70 -6.07
C GLU A 62 -33.52 -14.07 -7.15
N GLU A 63 -33.30 -12.74 -7.07
CA GLU A 63 -32.41 -11.97 -7.99
C GLU A 63 -30.96 -12.45 -7.78
N PHE A 64 -30.57 -12.74 -6.54
CA PHE A 64 -29.28 -13.40 -6.22
C PHE A 64 -29.20 -14.73 -6.95
N LEU A 65 -30.04 -15.70 -6.59
CA LEU A 65 -30.02 -17.08 -7.17
C LEU A 65 -29.96 -17.00 -8.69
N SER A 66 -30.74 -16.08 -9.27
CA SER A 66 -30.88 -15.87 -10.73
C SER A 66 -29.54 -15.40 -11.32
N GLU A 67 -28.84 -14.49 -10.63
CA GLU A 67 -27.50 -13.98 -11.07
C GLU A 67 -26.45 -15.13 -11.00
N ALA A 68 -26.40 -15.81 -9.85
CA ALA A 68 -25.52 -16.98 -9.61
C ALA A 68 -25.77 -18.06 -10.68
N ALA A 69 -27.05 -18.30 -11.00
CA ALA A 69 -27.46 -19.31 -12.01
C ALA A 69 -26.82 -18.93 -13.35
N CYS A 70 -26.79 -17.63 -13.63
CA CYS A 70 -26.23 -17.05 -14.87
C CYS A 70 -24.71 -17.24 -14.83
N MET A 71 -24.06 -16.83 -13.74
CA MET A 71 -22.58 -16.89 -13.63
C MET A 71 -22.10 -18.35 -13.66
N LYS A 72 -22.87 -19.29 -13.13
CA LYS A 72 -22.51 -20.73 -13.09
C LYS A 72 -22.31 -21.29 -14.51
N ASP A 73 -22.91 -20.64 -15.52
CA ASP A 73 -22.75 -21.09 -16.94
C ASP A 73 -21.41 -20.58 -17.48
N PHE A 74 -20.79 -19.55 -16.89
CA PHE A 74 -19.45 -19.10 -17.32
C PHE A 74 -18.53 -20.32 -17.37
N SER A 75 -17.71 -20.43 -18.40
CA SER A 75 -16.66 -21.47 -18.52
C SER A 75 -15.48 -20.88 -19.30
N HIS A 76 -14.42 -20.52 -18.57
CA HIS A 76 -13.15 -19.95 -19.09
C HIS A 76 -12.04 -20.21 -18.09
N PRO A 77 -10.85 -20.69 -18.52
CA PRO A 77 -9.73 -20.91 -17.60
C PRO A 77 -9.40 -19.66 -16.76
N ASN A 78 -9.66 -18.46 -17.28
CA ASN A 78 -9.24 -17.17 -16.66
C ASN A 78 -10.45 -16.46 -16.03
N VAL A 79 -11.54 -17.20 -15.79
CA VAL A 79 -12.69 -16.75 -14.94
C VAL A 79 -12.89 -17.83 -13.87
N ILE A 80 -13.14 -17.43 -12.61
CA ILE A 80 -13.30 -18.39 -11.50
C ILE A 80 -14.65 -19.05 -11.72
N ARG A 81 -14.72 -20.37 -11.55
CA ARG A 81 -15.98 -21.16 -11.66
C ARG A 81 -16.80 -20.84 -10.40
N LEU A 82 -18.07 -20.57 -10.56
CA LEU A 82 -19.01 -20.58 -9.42
C LEU A 82 -19.61 -21.99 -9.38
N LEU A 83 -19.24 -22.79 -8.36
CA LEU A 83 -19.64 -24.21 -8.25
C LEU A 83 -21.09 -24.31 -7.79
N GLY A 84 -21.59 -23.29 -7.05
CA GLY A 84 -23.04 -23.10 -6.76
C GLY A 84 -23.26 -22.13 -5.62
N VAL A 85 -24.42 -22.16 -4.95
CA VAL A 85 -24.69 -21.34 -3.73
C VAL A 85 -25.36 -22.20 -2.64
N CYS A 86 -25.04 -21.94 -1.36
CA CYS A 86 -25.76 -22.47 -0.16
C CYS A 86 -26.61 -21.38 0.46
N ILE A 87 -27.70 -21.78 1.11
CA ILE A 87 -28.58 -20.91 1.94
C ILE A 87 -28.77 -21.60 3.29
N GLU A 88 -28.01 -21.18 4.30
CA GLU A 88 -28.22 -21.47 5.74
C GLU A 88 -29.38 -20.56 6.22
N MET A 89 -30.19 -21.01 7.17
CA MET A 89 -31.41 -20.28 7.59
C MET A 89 -31.32 -20.03 9.10
N ILE A 94 -34.08 -16.18 9.01
CA ILE A 94 -33.21 -15.28 8.20
C ILE A 94 -32.33 -16.15 7.31
N PRO A 95 -32.57 -16.15 5.98
CA PRO A 95 -31.64 -16.71 5.01
C PRO A 95 -30.34 -15.92 4.81
N LYS A 96 -29.19 -16.58 4.94
CA LYS A 96 -27.84 -16.04 4.61
C LYS A 96 -27.25 -16.89 3.50
N PRO A 97 -27.24 -16.43 2.24
CA PRO A 97 -26.64 -17.16 1.13
C PRO A 97 -25.10 -17.12 1.12
N MET A 98 -24.46 -18.07 0.46
CA MET A 98 -22.98 -18.26 0.45
C MET A 98 -22.53 -18.68 -0.94
N VAL A 99 -21.57 -17.99 -1.56
CA VAL A 99 -21.06 -18.38 -2.91
C VAL A 99 -19.96 -19.44 -2.74
N ILE A 100 -20.05 -20.56 -3.47
CA ILE A 100 -19.08 -21.69 -3.36
C ILE A 100 -18.15 -21.67 -4.59
N LEU A 101 -16.86 -21.68 -4.33
CA LEU A 101 -15.76 -21.41 -5.30
C LEU A 101 -14.67 -22.43 -5.08
N PRO A 102 -13.92 -22.84 -6.13
CA PRO A 102 -12.77 -23.71 -5.94
C PRO A 102 -11.77 -22.98 -5.05
N PHE A 103 -11.20 -23.68 -4.07
CA PHE A 103 -10.17 -23.16 -3.14
C PHE A 103 -8.86 -22.94 -3.90
N MET A 104 -8.20 -21.80 -3.67
CA MET A 104 -6.91 -21.44 -4.31
C MET A 104 -5.89 -21.04 -3.26
N LYS A 105 -5.03 -22.00 -2.96
CA LYS A 105 -4.01 -21.93 -1.90
C LYS A 105 -3.06 -20.75 -2.17
N TYR A 106 -2.89 -20.28 -3.42
CA TYR A 106 -1.95 -19.19 -3.78
C TYR A 106 -2.56 -17.81 -3.56
N GLY A 107 -3.84 -17.73 -3.20
CA GLY A 107 -4.55 -16.51 -2.79
C GLY A 107 -4.66 -15.45 -3.88
N ASP A 108 -4.90 -14.21 -3.49
CA ASP A 108 -5.09 -13.08 -4.44
C ASP A 108 -3.73 -12.66 -4.98
N LEU A 109 -3.73 -12.15 -6.20
CA LEU A 109 -2.57 -11.64 -6.98
C LEU A 109 -1.85 -10.52 -6.19
N HIS A 110 -2.59 -9.53 -5.70
CA HIS A 110 -2.04 -8.31 -5.06
C HIS A 110 -1.12 -8.74 -3.90
N THR A 111 -1.65 -9.58 -3.03
CA THR A 111 -0.87 -10.12 -1.91
C THR A 111 0.34 -10.87 -2.48
N TYR A 112 0.16 -11.67 -3.55
CA TYR A 112 1.25 -12.49 -4.12
C TYR A 112 2.39 -11.56 -4.57
N LEU A 113 2.08 -10.42 -5.19
CA LEU A 113 3.09 -9.47 -5.72
C LEU A 113 3.92 -8.90 -4.55
N LEU A 114 3.24 -8.43 -3.50
CA LEU A 114 3.83 -7.91 -2.24
C LEU A 114 4.74 -9.01 -1.64
N TYR A 115 4.24 -10.24 -1.47
CA TYR A 115 5.03 -11.39 -0.94
C TYR A 115 6.28 -11.62 -1.80
N SER A 116 6.21 -11.33 -3.09
CA SER A 116 7.31 -11.67 -4.03
C SER A 116 8.51 -10.74 -3.77
N ARG A 117 8.27 -9.59 -3.16
CA ARG A 117 9.33 -8.61 -2.85
C ARG A 117 10.03 -8.92 -1.51
N LEU A 118 9.64 -10.00 -0.83
CA LEU A 118 10.30 -10.54 0.39
C LEU A 118 11.12 -11.78 0.02
N GLU A 119 12.17 -12.07 0.80
CA GLU A 119 13.04 -13.28 0.62
C GLU A 119 12.30 -14.54 1.10
N THR A 120 11.51 -14.46 2.16
CA THR A 120 10.61 -15.56 2.66
C THR A 120 9.66 -15.98 1.52
N GLY A 121 9.10 -15.03 0.78
CA GLY A 121 8.02 -15.30 -0.18
C GLY A 121 8.52 -15.78 -1.55
N PRO A 122 7.62 -15.87 -2.55
CA PRO A 122 7.99 -16.29 -3.90
C PRO A 122 9.14 -15.47 -4.51
N LYS A 123 9.84 -16.09 -5.45
CA LYS A 123 11.07 -15.58 -6.10
C LYS A 123 10.70 -14.29 -6.81
N HIS A 124 11.66 -13.39 -6.99
CA HIS A 124 11.45 -12.19 -7.84
C HIS A 124 10.69 -12.68 -9.07
N ILE A 125 9.56 -12.04 -9.39
CA ILE A 125 8.74 -12.32 -10.60
C ILE A 125 9.38 -11.60 -11.76
N PRO A 126 9.86 -12.32 -12.81
CA PRO A 126 10.37 -11.65 -14.01
C PRO A 126 9.24 -10.92 -14.76
N LEU A 127 9.59 -9.99 -15.65
CA LEU A 127 8.58 -9.19 -16.38
C LEU A 127 7.73 -10.11 -17.27
N GLN A 128 8.31 -11.15 -17.85
CA GLN A 128 7.61 -12.08 -18.79
C GLN A 128 6.44 -12.72 -18.06
N THR A 129 6.63 -13.09 -16.79
CA THR A 129 5.56 -13.67 -15.91
C THR A 129 4.54 -12.59 -15.53
N LEU A 130 4.97 -11.34 -15.31
CA LEU A 130 4.09 -10.20 -14.95
C LEU A 130 3.16 -9.91 -16.12
N LEU A 131 3.68 -10.01 -17.35
CA LEU A 131 2.89 -9.80 -18.59
C LEU A 131 1.88 -10.94 -18.77
N LYS A 132 2.24 -12.17 -18.41
CA LYS A 132 1.36 -13.36 -18.54
C LYS A 132 0.19 -13.22 -17.56
N PHE A 133 0.39 -12.67 -16.37
CA PHE A 133 -0.71 -12.32 -15.43
C PHE A 133 -1.71 -11.38 -16.10
N MET A 134 -1.19 -10.41 -16.84
CA MET A 134 -1.98 -9.36 -17.52
C MET A 134 -2.72 -10.01 -18.68
N VAL A 135 -2.04 -10.85 -19.46
CA VAL A 135 -2.68 -11.63 -20.59
C VAL A 135 -3.83 -12.47 -20.03
N ASP A 136 -3.60 -13.23 -18.95
CA ASP A 136 -4.62 -14.08 -18.28
C ASP A 136 -5.87 -13.24 -17.94
N ILE A 137 -5.73 -12.06 -17.33
CA ILE A 137 -6.85 -11.18 -16.92
C ILE A 137 -7.54 -10.66 -18.19
N ALA A 138 -6.77 -10.25 -19.19
CA ALA A 138 -7.31 -9.81 -20.48
C ALA A 138 -8.20 -10.92 -21.05
N LEU A 139 -7.70 -12.15 -21.07
CA LEU A 139 -8.46 -13.32 -21.58
C LEU A 139 -9.74 -13.45 -20.75
N GLY A 140 -9.66 -13.49 -19.44
CA GLY A 140 -10.88 -13.49 -18.62
C GLY A 140 -11.83 -12.35 -18.97
N MET A 141 -11.34 -11.12 -19.07
CA MET A 141 -12.25 -9.97 -19.24
C MET A 141 -12.78 -9.97 -20.68
N GLU A 142 -12.00 -10.43 -21.64
CA GLU A 142 -12.46 -10.61 -23.05
C GLU A 142 -13.74 -11.48 -23.06
N TYR A 143 -13.70 -12.62 -22.38
CA TYR A 143 -14.76 -13.63 -22.33
C TYR A 143 -16.00 -13.04 -21.65
N LEU A 144 -15.85 -12.37 -20.50
CA LEU A 144 -17.02 -11.78 -19.78
C LEU A 144 -17.62 -10.64 -20.62
N SER A 145 -16.77 -9.76 -21.15
CA SER A 145 -17.15 -8.63 -22.04
C SER A 145 -18.04 -9.15 -23.20
N ASN A 146 -17.65 -10.25 -23.84
CA ASN A 146 -18.39 -10.83 -25.00
C ASN A 146 -19.85 -11.12 -24.59
N ARG A 147 -20.07 -11.66 -23.38
CA ARG A 147 -21.41 -12.00 -22.82
C ARG A 147 -22.05 -10.78 -22.14
N ASN A 148 -21.61 -9.57 -22.46
CA ASN A 148 -22.13 -8.27 -21.94
C ASN A 148 -22.22 -8.32 -20.42
N PHE A 149 -21.25 -8.95 -19.75
CA PHE A 149 -21.13 -8.99 -18.28
C PHE A 149 -20.10 -7.93 -17.86
N LEU A 150 -20.49 -7.05 -16.92
CA LEU A 150 -19.63 -5.98 -16.38
C LEU A 150 -19.13 -6.42 -15.01
N HIS A 151 -17.81 -6.40 -14.80
CA HIS A 151 -17.14 -6.75 -13.50
C HIS A 151 -17.42 -5.67 -12.43
N ARG A 152 -16.93 -4.45 -12.63
CA ARG A 152 -17.22 -3.29 -11.75
C ARG A 152 -16.29 -3.23 -10.55
N ASP A 153 -15.38 -4.17 -10.37
CA ASP A 153 -14.44 -4.16 -9.22
C ASP A 153 -13.21 -4.97 -9.62
N LEU A 154 -12.73 -4.73 -10.82
CA LEU A 154 -11.43 -5.25 -11.28
C LEU A 154 -10.34 -4.49 -10.52
N ALA A 155 -9.37 -5.24 -10.00
CA ALA A 155 -8.22 -4.80 -9.19
C ALA A 155 -7.42 -6.07 -8.93
N ALA A 156 -6.12 -5.97 -8.68
CA ALA A 156 -5.27 -7.15 -8.48
C ALA A 156 -5.71 -7.93 -7.25
N ARG A 157 -6.36 -7.31 -6.26
CA ARG A 157 -6.79 -7.95 -5.00
C ARG A 157 -7.92 -8.95 -5.29
N ASN A 158 -8.61 -8.76 -6.41
CA ASN A 158 -9.78 -9.54 -6.87
C ASN A 158 -9.40 -10.47 -8.03
N CYS A 159 -8.11 -10.62 -8.34
CA CYS A 159 -7.63 -11.67 -9.28
C CYS A 159 -7.04 -12.83 -8.47
N MET A 160 -7.47 -14.07 -8.70
CA MET A 160 -7.03 -15.24 -7.91
C MET A 160 -5.97 -16.00 -8.72
N LEU A 161 -4.97 -16.57 -8.02
CA LEU A 161 -3.96 -17.49 -8.62
C LEU A 161 -4.37 -18.97 -8.44
N ARG A 162 -4.48 -19.71 -9.54
CA ARG A 162 -4.78 -21.16 -9.55
C ARG A 162 -3.48 -21.89 -9.26
N ASP A 163 -3.56 -23.20 -8.94
CA ASP A 163 -2.40 -24.05 -8.59
C ASP A 163 -1.34 -24.03 -9.72
N ASP A 164 -1.75 -23.88 -10.99
CA ASP A 164 -0.80 -23.86 -12.13
C ASP A 164 -0.19 -22.46 -12.30
N MET A 165 -0.53 -21.51 -11.44
CA MET A 165 -0.07 -20.09 -11.45
C MET A 165 -0.71 -19.25 -12.58
N THR A 166 -1.75 -19.76 -13.25
CA THR A 166 -2.68 -19.01 -14.15
C THR A 166 -3.55 -18.05 -13.32
N VAL A 167 -3.85 -16.87 -13.84
CA VAL A 167 -4.72 -15.92 -13.10
C VAL A 167 -6.14 -16.05 -13.64
N CYS A 168 -7.11 -16.03 -12.75
CA CYS A 168 -8.54 -15.86 -13.08
C CYS A 168 -9.07 -14.63 -12.34
N VAL A 169 -10.00 -13.94 -12.99
CA VAL A 169 -10.74 -12.77 -12.43
C VAL A 169 -11.83 -13.35 -11.51
N ALA A 170 -12.19 -12.62 -10.45
CA ALA A 170 -13.09 -13.11 -9.39
C ALA A 170 -13.85 -11.96 -8.74
N ASP A 171 -14.53 -12.24 -7.62
CA ASP A 171 -15.22 -11.27 -6.72
C ASP A 171 -16.09 -10.33 -7.55
N PHE A 172 -16.80 -10.86 -8.55
CA PHE A 172 -17.76 -10.16 -9.43
C PHE A 172 -19.20 -10.22 -8.87
N GLY A 173 -19.66 -9.17 -8.17
CA GLY A 173 -21.05 -8.92 -7.78
C GLY A 173 -21.53 -9.81 -6.64
N PRO A 193 -13.72 1.89 -3.97
CA PRO A 193 -12.34 1.76 -4.46
C PRO A 193 -12.01 2.87 -5.48
N VAL A 194 -12.03 4.14 -5.04
CA VAL A 194 -12.13 5.33 -5.94
C VAL A 194 -10.97 5.34 -6.95
N LYS A 195 -9.80 4.84 -6.58
CA LYS A 195 -8.58 4.95 -7.41
C LYS A 195 -8.61 3.92 -8.54
N TRP A 196 -9.65 3.09 -8.63
CA TRP A 196 -9.85 2.16 -9.79
C TRP A 196 -11.04 2.61 -10.64
N ILE A 197 -11.86 3.55 -10.16
CA ILE A 197 -13.09 4.04 -10.83
C ILE A 197 -12.71 5.05 -11.91
N ALA A 198 -13.15 4.79 -13.13
CA ALA A 198 -12.89 5.60 -14.35
C ALA A 198 -13.63 6.92 -14.19
N ILE A 199 -13.05 7.96 -14.78
CA ILE A 199 -13.48 9.38 -14.67
C ILE A 199 -14.98 9.53 -14.98
N GLU A 200 -15.49 8.84 -16.00
CA GLU A 200 -16.92 8.95 -16.39
C GLU A 200 -17.80 8.34 -15.30
N SER A 201 -17.33 7.29 -14.63
CA SER A 201 -18.07 6.58 -13.55
C SER A 201 -18.02 7.39 -12.26
N LEU A 202 -16.92 8.08 -11.98
CA LEU A 202 -16.83 9.06 -10.86
C LEU A 202 -17.84 10.18 -11.08
N ALA A 203 -17.88 10.76 -12.28
CA ALA A 203 -18.79 11.88 -12.61
C ALA A 203 -20.24 11.36 -12.56
N ASP A 204 -20.68 10.67 -13.60
CA ASP A 204 -22.12 10.54 -13.97
C ASP A 204 -22.77 9.34 -13.27
N ARG A 205 -22.02 8.54 -12.51
CA ARG A 205 -22.45 7.21 -12.01
C ARG A 205 -22.93 6.33 -13.20
N VAL A 206 -22.21 6.39 -14.33
CA VAL A 206 -22.35 5.48 -15.51
C VAL A 206 -21.25 4.41 -15.42
N TYR A 207 -21.51 3.21 -15.96
CA TYR A 207 -20.52 2.09 -15.95
C TYR A 207 -20.76 1.20 -17.18
N THR A 208 -19.78 1.15 -18.09
CA THR A 208 -19.75 0.24 -19.26
C THR A 208 -18.50 -0.66 -19.18
N SER A 209 -18.41 -1.63 -20.11
CA SER A 209 -17.21 -2.49 -20.31
C SER A 209 -15.95 -1.62 -20.41
N LYS A 210 -16.10 -0.37 -20.86
CA LYS A 210 -14.95 0.53 -21.08
C LYS A 210 -14.48 1.14 -19.75
N SER A 211 -15.33 1.23 -18.72
CA SER A 211 -14.92 1.54 -17.32
C SER A 211 -14.13 0.36 -16.75
N ASP A 212 -14.54 -0.87 -17.08
CA ASP A 212 -13.82 -2.12 -16.75
C ASP A 212 -12.40 -2.04 -17.35
N VAL A 213 -12.30 -1.59 -18.61
CA VAL A 213 -10.97 -1.40 -19.29
C VAL A 213 -10.11 -0.43 -18.47
N TRP A 214 -10.71 0.61 -17.89
CA TRP A 214 -10.00 1.60 -17.06
C TRP A 214 -9.44 0.87 -15.82
N ALA A 215 -10.28 0.13 -15.11
CA ALA A 215 -9.88 -0.68 -13.94
C ALA A 215 -8.78 -1.66 -14.36
N PHE A 216 -8.80 -2.18 -15.58
CA PHE A 216 -7.79 -3.14 -16.09
C PHE A 216 -6.40 -2.50 -16.22
N GLY A 217 -6.32 -1.28 -16.72
CA GLY A 217 -5.03 -0.55 -16.83
C GLY A 217 -4.45 -0.26 -15.46
N VAL A 218 -5.31 0.12 -14.51
CA VAL A 218 -4.85 0.34 -13.11
C VAL A 218 -4.32 -0.99 -12.56
N THR A 219 -4.99 -2.09 -12.86
CA THR A 219 -4.57 -3.45 -12.43
C THR A 219 -3.23 -3.72 -13.10
N MET A 220 -3.10 -3.41 -14.39
CA MET A 220 -1.83 -3.63 -15.12
C MET A 220 -0.71 -2.86 -14.38
N TRP A 221 -1.03 -1.67 -13.85
CA TRP A 221 -0.06 -0.79 -13.14
C TRP A 221 0.29 -1.42 -11.78
N GLU A 222 -0.72 -1.80 -10.98
CA GLU A 222 -0.52 -2.61 -9.75
C GLU A 222 0.45 -3.77 -10.01
N ILE A 223 0.38 -4.44 -11.16
CA ILE A 223 1.24 -5.63 -11.43
C ILE A 223 2.64 -5.16 -11.83
N ALA A 224 2.77 -4.16 -12.70
CA ALA A 224 4.07 -3.60 -13.13
C ALA A 224 4.81 -3.02 -11.91
N THR A 225 4.09 -2.35 -11.00
CA THR A 225 4.65 -1.82 -9.72
C THR A 225 4.76 -2.93 -8.66
N ARG A 226 4.34 -4.16 -8.96
CA ARG A 226 4.37 -5.26 -7.96
C ARG A 226 3.73 -4.79 -6.66
N GLY A 227 2.60 -4.08 -6.73
CA GLY A 227 1.65 -3.97 -5.61
C GLY A 227 1.54 -2.58 -5.03
N MET A 228 2.13 -1.54 -5.65
CA MET A 228 2.04 -0.17 -5.11
C MET A 228 0.57 0.23 -5.17
N THR A 229 0.10 1.05 -4.24
CA THR A 229 -1.25 1.65 -4.35
C THR A 229 -1.17 2.59 -5.55
N PRO A 230 -2.22 2.66 -6.38
CA PRO A 230 -2.25 3.69 -7.43
C PRO A 230 -2.16 5.10 -6.84
N TYR A 231 -1.58 6.01 -7.62
CA TYR A 231 -1.50 7.48 -7.39
C TYR A 231 -0.84 7.75 -6.04
N PRO A 232 0.44 7.39 -5.84
CA PRO A 232 1.17 7.82 -4.65
C PRO A 232 1.18 9.35 -4.53
N GLY A 233 1.09 9.84 -3.30
CA GLY A 233 1.02 11.28 -2.98
C GLY A 233 -0.23 11.91 -3.56
N VAL A 234 -1.30 11.14 -3.75
CA VAL A 234 -2.65 11.72 -4.06
C VAL A 234 -3.69 11.00 -3.23
N GLN A 235 -4.59 11.76 -2.63
CA GLN A 235 -5.53 11.26 -1.62
C GLN A 235 -6.83 10.98 -2.34
N ASN A 236 -7.69 10.15 -1.75
CA ASN A 236 -8.92 9.64 -2.42
C ASN A 236 -9.80 10.81 -2.85
N HIS A 237 -10.01 11.81 -1.98
CA HIS A 237 -10.90 13.00 -2.21
C HIS A 237 -10.38 13.92 -3.34
N GLU A 238 -9.08 13.87 -3.64
CA GLU A 238 -8.40 14.69 -4.68
C GLU A 238 -8.53 13.99 -6.04
N MET A 239 -9.00 12.73 -6.09
CA MET A 239 -8.81 11.86 -7.29
C MET A 239 -9.61 12.36 -8.51
N TYR A 240 -10.88 12.74 -8.34
CA TYR A 240 -11.70 13.25 -9.47
C TYR A 240 -11.01 14.47 -10.09
N ASP A 241 -10.55 15.43 -9.27
CA ASP A 241 -9.97 16.71 -9.75
C ASP A 241 -8.59 16.43 -10.38
N TYR A 242 -7.83 15.51 -9.80
CA TYR A 242 -6.55 15.05 -10.36
C TYR A 242 -6.77 14.54 -11.78
N LEU A 243 -7.83 13.74 -12.00
CA LEU A 243 -8.09 13.10 -13.32
C LEU A 243 -8.65 14.14 -14.28
N LEU A 244 -9.53 15.01 -13.77
CA LEU A 244 -10.26 16.05 -14.54
C LEU A 244 -9.25 17.01 -15.18
N HIS A 245 -8.13 17.31 -14.49
CA HIS A 245 -7.05 18.20 -14.99
C HIS A 245 -6.12 17.44 -15.93
N GLY A 246 -6.43 16.17 -16.24
CA GLY A 246 -5.76 15.33 -17.26
C GLY A 246 -4.61 14.50 -16.71
N HIS A 247 -4.41 14.41 -15.40
CA HIS A 247 -3.26 13.68 -14.77
C HIS A 247 -3.62 12.19 -14.72
N ARG A 248 -2.62 11.32 -14.90
CA ARG A 248 -2.80 9.85 -15.00
C ARG A 248 -1.76 9.17 -14.12
N LEU A 249 -1.93 7.87 -13.90
CA LEU A 249 -0.90 6.98 -13.31
C LEU A 249 0.40 7.11 -14.10
N LYS A 250 1.52 7.23 -13.38
CA LYS A 250 2.82 7.57 -13.97
C LYS A 250 3.51 6.26 -14.37
N GLN A 251 4.27 6.28 -15.46
CA GLN A 251 5.01 5.09 -15.93
C GLN A 251 5.90 4.55 -14.80
N PRO A 252 5.69 3.30 -14.34
CA PRO A 252 6.64 2.64 -13.41
C PRO A 252 8.08 2.54 -13.92
N GLU A 253 9.04 2.34 -13.02
CA GLU A 253 10.50 2.42 -13.30
C GLU A 253 10.91 1.22 -14.16
N ASP A 254 10.53 0.00 -13.78
CA ASP A 254 10.83 -1.19 -14.64
C ASP A 254 10.16 -0.98 -16.00
N CYS A 255 8.84 -0.68 -16.00
CA CYS A 255 7.85 -0.78 -17.12
C CYS A 255 8.40 -0.38 -18.49
N LEU A 256 8.25 -1.24 -19.50
CA LEU A 256 8.56 -1.00 -20.93
C LEU A 256 7.66 0.11 -21.46
N ASP A 257 8.21 1.00 -22.27
CA ASP A 257 7.43 2.06 -22.96
C ASP A 257 6.19 1.41 -23.63
N GLU A 258 6.37 0.36 -24.43
CA GLU A 258 5.27 -0.34 -25.18
C GLU A 258 4.15 -0.77 -24.21
N LEU A 259 4.54 -1.30 -23.05
CA LEU A 259 3.56 -1.71 -21.99
C LEU A 259 2.88 -0.49 -21.42
N TYR A 260 3.63 0.60 -21.17
CA TYR A 260 3.02 1.84 -20.63
C TYR A 260 2.05 2.44 -21.66
N GLU A 261 2.31 2.33 -22.97
CA GLU A 261 1.38 2.83 -24.04
C GLU A 261 0.06 2.05 -23.97
N ILE A 262 0.13 0.74 -23.79
CA ILE A 262 -1.07 -0.12 -23.65
C ILE A 262 -1.87 0.30 -22.41
N MET A 263 -1.25 0.45 -21.24
CA MET A 263 -2.02 0.76 -19.99
C MET A 263 -2.53 2.21 -20.02
N TYR A 264 -1.81 3.12 -20.69
CA TYR A 264 -2.21 4.53 -20.86
C TYR A 264 -3.48 4.59 -21.72
N SER A 265 -3.58 3.73 -22.73
CA SER A 265 -4.75 3.70 -23.63
C SER A 265 -6.04 3.38 -22.85
N CYS A 266 -5.94 2.71 -21.69
CA CYS A 266 -7.09 2.29 -20.87
C CYS A 266 -7.69 3.49 -20.13
N TRP A 267 -7.01 4.64 -20.10
CA TRP A 267 -7.38 5.84 -19.27
C TRP A 267 -7.66 7.06 -20.17
N ARG A 268 -7.71 6.89 -21.48
CA ARG A 268 -8.18 7.97 -22.39
C ARG A 268 -9.51 8.51 -21.86
N THR A 269 -9.71 9.82 -21.95
CA THR A 269 -10.83 10.57 -21.31
C THR A 269 -12.17 10.00 -21.79
N ASP A 270 -12.33 9.92 -23.11
CA ASP A 270 -13.53 9.36 -23.75
C ASP A 270 -13.47 7.83 -23.66
N PRO A 271 -14.44 7.18 -22.99
CA PRO A 271 -14.52 5.72 -23.01
C PRO A 271 -14.37 5.15 -24.42
N LEU A 272 -15.01 5.79 -25.40
CA LEU A 272 -15.07 5.29 -26.81
C LEU A 272 -13.65 5.21 -27.39
N ASP A 273 -12.68 5.95 -26.85
CA ASP A 273 -11.30 6.00 -27.38
C ASP A 273 -10.44 4.91 -26.75
N ARG A 274 -10.92 4.25 -25.68
CA ARG A 274 -10.23 3.10 -25.03
C ARG A 274 -10.40 1.84 -25.88
N PRO A 275 -9.37 0.98 -26.02
CA PRO A 275 -9.52 -0.28 -26.73
C PRO A 275 -10.49 -1.21 -25.98
N THR A 276 -10.96 -2.25 -26.67
CA THR A 276 -11.75 -3.36 -26.06
C THR A 276 -10.77 -4.34 -25.45
N PHE A 277 -11.26 -5.20 -24.57
CA PHE A 277 -10.48 -6.29 -23.91
C PHE A 277 -9.87 -7.22 -24.96
N SER A 278 -10.56 -7.43 -26.08
CA SER A 278 -10.14 -8.28 -27.22
C SER A 278 -8.95 -7.62 -27.95
N VAL A 279 -8.99 -6.32 -28.14
CA VAL A 279 -7.82 -5.57 -28.68
C VAL A 279 -6.65 -5.62 -27.68
N LEU A 280 -6.94 -5.37 -26.40
CA LEU A 280 -5.91 -5.35 -25.33
C LEU A 280 -5.25 -6.73 -25.23
N ARG A 281 -6.06 -7.79 -25.21
CA ARG A 281 -5.54 -9.16 -25.00
C ARG A 281 -4.45 -9.41 -26.04
N LEU A 282 -4.69 -8.97 -27.26
CA LEU A 282 -3.83 -9.32 -28.40
C LEU A 282 -2.60 -8.39 -28.40
N GLN A 283 -2.74 -7.14 -27.95
CA GLN A 283 -1.60 -6.21 -27.75
C GLN A 283 -0.63 -6.88 -26.77
N LEU A 284 -1.13 -7.30 -25.61
CA LEU A 284 -0.34 -7.97 -24.55
C LEU A 284 0.21 -9.30 -25.07
N GLU A 285 -0.62 -10.19 -25.64
CA GLU A 285 -0.16 -11.50 -26.20
C GLU A 285 1.03 -11.25 -27.14
N LYS A 286 0.95 -10.20 -27.97
CA LYS A 286 1.95 -9.92 -29.02
C LYS A 286 3.25 -9.40 -28.41
N LEU A 287 3.14 -8.51 -27.42
CA LEU A 287 4.30 -7.96 -26.67
C LEU A 287 5.03 -9.07 -25.92
N LEU A 288 4.29 -9.97 -25.26
CA LEU A 288 4.87 -11.12 -24.52
C LEU A 288 5.68 -11.98 -25.49
N GLU A 289 5.18 -12.16 -26.72
CA GLU A 289 5.80 -13.02 -27.77
C GLU A 289 7.17 -12.45 -28.18
N SER A 290 7.43 -11.15 -28.00
CA SER A 290 8.63 -10.46 -28.54
C SER A 290 9.75 -10.30 -27.48
N LEU A 291 9.91 -11.23 -26.54
CA LEU A 291 10.99 -11.18 -25.49
C LEU A 291 11.72 -12.52 -25.44
N GLU B 8 6.60 34.67 25.45
CA GLU B 8 7.79 33.76 25.42
C GLU B 8 8.69 34.16 24.26
N ASP B 9 9.87 33.57 24.19
CA ASP B 9 10.82 33.71 23.05
C ASP B 9 10.41 32.75 21.92
N VAL B 10 9.39 31.91 22.14
CA VAL B 10 8.96 30.83 21.18
C VAL B 10 7.75 31.31 20.38
N VAL B 11 6.91 32.15 21.00
CA VAL B 11 5.66 32.70 20.39
C VAL B 11 6.06 33.69 19.29
N ILE B 12 5.48 33.56 18.11
CA ILE B 12 5.69 34.49 16.96
C ILE B 12 4.39 35.31 16.79
N ASP B 13 4.50 36.59 16.47
CA ASP B 13 3.30 37.41 16.18
C ASP B 13 2.61 36.88 14.91
N ARG B 14 1.28 36.71 14.96
CA ARG B 14 0.43 36.23 13.84
C ARG B 14 0.61 37.11 12.60
N ASN B 15 1.01 38.38 12.76
CA ASN B 15 1.15 39.36 11.64
C ASN B 15 2.43 39.11 10.83
N LEU B 16 3.44 38.45 11.41
CA LEU B 16 4.69 38.08 10.69
C LEU B 16 4.45 36.84 9.81
N LEU B 17 3.28 36.22 9.90
CA LEU B 17 3.01 34.94 9.20
C LEU B 17 1.95 35.17 8.12
N ILE B 18 2.23 34.75 6.88
CA ILE B 18 1.17 34.72 5.84
C ILE B 18 0.93 33.26 5.42
N LEU B 19 -0.28 32.73 5.62
CA LEU B 19 -0.70 31.34 5.26
C LEU B 19 -1.03 31.16 3.78
N GLY B 20 -0.55 30.07 3.17
CA GLY B 20 -0.76 29.71 1.75
C GLY B 20 -1.61 28.46 1.58
N LYS B 21 -1.28 27.60 0.59
CA LYS B 21 -2.02 26.37 0.17
C LYS B 21 -1.84 25.25 1.22
N ILE B 22 -2.83 24.36 1.32
CA ILE B 22 -2.75 23.12 2.15
C ILE B 22 -1.74 22.20 1.45
N LEU B 23 -0.80 21.59 2.19
CA LEU B 23 0.29 20.75 1.62
C LEU B 23 -0.07 19.26 1.77
N GLY B 29 -4.95 18.04 12.33
CA GLY B 29 -5.47 18.82 11.19
C GLY B 29 -4.54 18.79 9.96
N SER B 30 -4.19 19.97 9.43
CA SER B 30 -3.52 20.15 8.12
C SER B 30 -2.15 20.84 8.25
N VAL B 31 -1.30 20.64 7.24
CA VAL B 31 -0.01 21.35 7.02
C VAL B 31 -0.18 22.37 5.88
N MET B 32 0.23 23.62 6.12
CA MET B 32 0.12 24.70 5.12
C MET B 32 1.51 25.25 4.76
N GLU B 33 1.63 25.67 3.51
CA GLU B 33 2.64 26.60 2.98
C GLU B 33 2.49 27.96 3.69
N GLY B 34 3.61 28.66 3.91
CA GLY B 34 3.65 29.92 4.68
C GLY B 34 4.89 30.74 4.37
N ASN B 35 4.76 32.05 4.64
CA ASN B 35 5.86 33.04 4.73
C ASN B 35 6.00 33.46 6.19
N LEU B 36 7.20 33.34 6.74
CA LEU B 36 7.57 33.98 8.02
C LEU B 36 8.39 35.23 7.74
N LYS B 37 7.91 36.38 8.19
CA LYS B 37 8.71 37.64 8.25
C LYS B 37 9.68 37.49 9.43
N GLN B 38 10.96 37.60 9.15
CA GLN B 38 12.08 37.32 10.09
C GLN B 38 12.71 38.63 10.60
N GLU B 39 13.48 38.54 11.68
CA GLU B 39 13.97 39.71 12.47
C GLU B 39 14.85 40.58 11.58
N ASP B 40 15.39 40.04 10.48
CA ASP B 40 16.32 40.76 9.58
C ASP B 40 15.61 41.38 8.37
N GLY B 41 14.27 41.45 8.33
CA GLY B 41 13.51 42.05 7.20
C GLY B 41 13.31 41.14 5.98
N THR B 42 13.92 39.95 5.93
CA THR B 42 13.72 38.95 4.86
C THR B 42 12.54 38.05 5.25
N SER B 43 11.88 37.42 4.27
CA SER B 43 10.77 36.44 4.52
C SER B 43 11.30 35.04 4.22
N LEU B 44 10.85 34.04 4.99
CA LEU B 44 11.33 32.64 4.97
C LEU B 44 10.15 31.72 4.64
N LYS B 45 10.37 30.76 3.74
CA LYS B 45 9.32 29.76 3.40
C LYS B 45 9.12 28.83 4.61
N VAL B 46 7.90 28.71 5.10
CA VAL B 46 7.63 27.86 6.30
C VAL B 46 6.49 26.85 6.01
N ALA B 47 6.46 25.73 6.71
CA ALA B 47 5.26 24.90 6.80
C ALA B 47 4.60 25.19 8.14
N VAL B 48 3.28 25.33 8.12
CA VAL B 48 2.48 25.68 9.32
C VAL B 48 1.55 24.52 9.60
N LYS B 49 1.69 23.90 10.77
CA LYS B 49 0.91 22.71 11.18
C LYS B 49 -0.04 23.13 12.30
N THR B 50 -1.34 22.95 12.10
CA THR B 50 -2.42 23.39 13.03
C THR B 50 -2.29 22.73 14.41
N PHE B 64 2.10 23.24 26.84
CA PHE B 64 2.24 23.27 25.36
C PHE B 64 3.35 24.24 24.98
N LEU B 65 3.14 25.55 25.14
CA LEU B 65 4.18 26.56 24.77
C LEU B 65 5.51 26.21 25.45
N SER B 66 5.46 25.68 26.67
CA SER B 66 6.64 25.23 27.46
C SER B 66 7.35 24.06 26.76
N GLU B 67 6.59 23.11 26.19
CA GLU B 67 7.12 21.95 25.42
C GLU B 67 7.79 22.47 24.12
N ALA B 68 7.09 23.31 23.36
CA ALA B 68 7.59 23.97 22.13
C ALA B 68 8.84 24.78 22.45
N ALA B 69 8.86 25.48 23.58
CA ALA B 69 10.03 26.29 24.03
C ALA B 69 11.22 25.35 24.20
N CYS B 70 10.97 24.14 24.69
CA CYS B 70 11.98 23.08 24.90
C CYS B 70 12.45 22.58 23.52
N MET B 71 11.52 22.21 22.64
CA MET B 71 11.85 21.70 21.28
C MET B 71 12.60 22.76 20.46
N LYS B 72 12.29 24.06 20.64
CA LYS B 72 12.96 25.16 19.90
C LYS B 72 14.46 25.20 20.20
N ASP B 73 14.89 24.64 21.33
CA ASP B 73 16.33 24.60 21.73
C ASP B 73 17.03 23.43 21.00
N PHE B 74 16.29 22.44 20.49
CA PHE B 74 16.89 21.35 19.67
C PHE B 74 17.78 22.02 18.62
N SER B 75 18.96 21.45 18.39
CA SER B 75 19.87 21.87 17.31
C SER B 75 20.64 20.64 16.84
N HIS B 76 20.21 20.09 15.71
CA HIS B 76 20.80 18.93 15.02
C HIS B 76 20.42 19.00 13.55
N PRO B 77 21.37 18.80 12.61
CA PRO B 77 21.02 18.74 11.19
C PRO B 77 19.89 17.74 10.88
N ASN B 78 19.77 16.66 11.67
CA ASN B 78 18.84 15.54 11.42
C ASN B 78 17.62 15.63 12.35
N VAL B 79 17.34 16.80 12.93
CA VAL B 79 16.07 17.11 13.65
C VAL B 79 15.54 18.40 13.04
N ILE B 80 14.23 18.48 12.78
CA ILE B 80 13.62 19.67 12.14
C ILE B 80 13.63 20.76 13.21
N ARG B 81 14.00 21.99 12.82
CA ARG B 81 13.93 23.21 13.67
C ARG B 81 12.45 23.51 13.93
N LEU B 82 12.08 23.78 15.17
CA LEU B 82 10.79 24.47 15.44
C LEU B 82 11.12 25.95 15.54
N LEU B 83 10.70 26.75 14.55
CA LEU B 83 11.01 28.19 14.47
C LEU B 83 10.17 28.99 15.47
N GLY B 84 8.99 28.50 15.81
CA GLY B 84 8.18 29.01 16.91
C GLY B 84 6.74 28.54 16.82
N VAL B 85 5.80 29.29 17.40
CA VAL B 85 4.35 28.96 17.45
C VAL B 85 3.54 30.25 17.32
N CYS B 86 2.40 30.21 16.62
CA CYS B 86 1.37 31.28 16.54
C CYS B 86 0.09 30.81 17.21
N ILE B 87 -0.85 31.71 17.50
CA ILE B 87 -2.15 31.35 18.15
C ILE B 87 -3.31 31.53 17.17
N LYS B 96 -6.46 28.11 18.96
CA LYS B 96 -5.80 27.18 18.00
C LYS B 96 -4.36 27.64 17.82
N PRO B 97 -3.37 26.91 18.39
CA PRO B 97 -1.96 27.15 18.10
C PRO B 97 -1.56 26.61 16.71
N MET B 98 -0.44 27.08 16.19
CA MET B 98 0.08 26.72 14.84
C MET B 98 1.60 26.53 14.96
N VAL B 99 2.12 25.36 14.63
CA VAL B 99 3.59 25.07 14.76
C VAL B 99 4.27 25.56 13.47
N ILE B 100 5.34 26.36 13.60
CA ILE B 100 6.04 26.95 12.42
C ILE B 100 7.39 26.22 12.23
N LEU B 101 7.60 25.74 11.01
CA LEU B 101 8.68 24.81 10.63
C LEU B 101 9.26 25.28 9.32
N PRO B 102 10.57 25.11 9.07
CA PRO B 102 11.12 25.41 7.78
C PRO B 102 10.42 24.51 6.75
N PHE B 103 10.04 25.10 5.62
CA PHE B 103 9.40 24.43 4.47
C PHE B 103 10.43 23.52 3.80
N MET B 104 10.02 22.30 3.44
CA MET B 104 10.88 21.28 2.78
C MET B 104 10.23 20.88 1.45
N LYS B 105 10.73 21.45 0.35
CA LYS B 105 10.13 21.26 -0.99
C LYS B 105 10.19 19.76 -1.38
N TYR B 106 11.09 18.96 -0.81
CA TYR B 106 11.26 17.52 -1.17
C TYR B 106 10.29 16.62 -0.41
N GLY B 107 9.49 17.17 0.51
CA GLY B 107 8.39 16.51 1.23
C GLY B 107 8.87 15.39 2.12
N ASP B 108 7.94 14.51 2.51
CA ASP B 108 8.22 13.37 3.41
C ASP B 108 8.94 12.27 2.62
N LEU B 109 9.79 11.52 3.34
CA LEU B 109 10.59 10.38 2.84
C LEU B 109 9.70 9.33 2.18
N HIS B 110 8.63 8.90 2.85
CA HIS B 110 7.76 7.77 2.41
C HIS B 110 7.28 8.05 0.98
N THR B 111 6.70 9.23 0.80
CA THR B 111 6.25 9.68 -0.53
C THR B 111 7.46 9.67 -1.48
N TYR B 112 8.62 10.15 -1.06
CA TYR B 112 9.81 10.28 -1.93
C TYR B 112 10.20 8.88 -2.45
N LEU B 113 10.15 7.87 -1.59
CA LEU B 113 10.57 6.48 -1.93
C LEU B 113 9.62 5.92 -3.00
N LEU B 114 8.30 6.07 -2.79
CA LEU B 114 7.22 5.70 -3.74
C LEU B 114 7.48 6.43 -5.08
N TYR B 115 7.67 7.76 -5.05
CA TYR B 115 7.94 8.58 -6.27
C TYR B 115 9.18 8.03 -6.99
N SER B 116 10.13 7.48 -6.26
CA SER B 116 11.43 7.06 -6.84
C SER B 116 11.22 5.83 -7.74
N ARG B 117 10.13 5.11 -7.55
CA ARG B 117 9.83 3.87 -8.31
C ARG B 117 9.10 4.21 -9.63
N LEU B 118 8.85 5.50 -9.89
CA LEU B 118 8.26 6.04 -11.15
C LEU B 118 9.36 6.72 -11.98
N GLU B 119 9.19 6.78 -13.30
CA GLU B 119 10.14 7.45 -14.25
C GLU B 119 10.00 8.99 -14.16
N THR B 120 8.79 9.52 -13.97
CA THR B 120 8.55 10.98 -13.72
C THR B 120 9.33 11.43 -12.47
N GLY B 121 9.34 10.62 -11.41
CA GLY B 121 9.92 11.01 -10.12
C GLY B 121 11.44 10.83 -10.04
N PRO B 122 12.03 10.98 -8.83
CA PRO B 122 13.47 10.82 -8.65
C PRO B 122 14.03 9.48 -9.15
N LYS B 123 15.33 9.48 -9.49
CA LYS B 123 16.06 8.33 -10.08
C LYS B 123 16.00 7.18 -9.08
N HIS B 124 16.07 5.94 -9.56
CA HIS B 124 16.23 4.76 -8.69
C HIS B 124 17.22 5.17 -7.61
N ILE B 125 16.83 5.00 -6.35
CA ILE B 125 17.71 5.27 -5.17
C ILE B 125 18.60 4.06 -4.98
N PRO B 126 19.95 4.19 -5.08
CA PRO B 126 20.84 3.08 -4.77
C PRO B 126 20.80 2.76 -3.26
N LEU B 127 21.27 1.57 -2.88
CA LEU B 127 21.23 1.11 -1.47
C LEU B 127 22.07 2.06 -0.61
N GLN B 128 23.20 2.54 -1.12
CA GLN B 128 24.16 3.40 -0.39
C GLN B 128 23.41 4.65 0.10
N THR B 129 22.55 5.24 -0.74
CA THR B 129 21.71 6.43 -0.41
C THR B 129 20.58 6.03 0.56
N LEU B 130 20.01 4.82 0.43
CA LEU B 130 18.94 4.31 1.34
C LEU B 130 19.53 4.14 2.73
N LEU B 131 20.79 3.72 2.83
CA LEU B 131 21.51 3.54 4.12
C LEU B 131 21.80 4.90 4.75
N LYS B 132 22.12 5.91 3.93
CA LYS B 132 22.44 7.29 4.37
C LYS B 132 21.15 7.91 4.97
N PHE B 133 19.98 7.66 4.39
CA PHE B 133 18.68 8.07 4.98
C PHE B 133 18.53 7.49 6.38
N MET B 134 18.92 6.23 6.55
CA MET B 134 18.78 5.46 7.81
C MET B 134 19.77 6.03 8.81
N VAL B 135 21.02 6.28 8.37
CA VAL B 135 22.07 6.92 9.22
C VAL B 135 21.54 8.27 9.71
N ASP B 136 21.03 9.12 8.81
CA ASP B 136 20.45 10.46 9.14
C ASP B 136 19.40 10.35 10.26
N ILE B 137 18.45 9.39 10.16
CA ILE B 137 17.35 9.17 11.13
C ILE B 137 17.95 8.70 12.46
N ALA B 138 18.91 7.77 12.39
CA ALA B 138 19.63 7.27 13.56
C ALA B 138 20.26 8.48 14.28
N LEU B 139 20.96 9.33 13.52
CA LEU B 139 21.63 10.53 14.09
C LEU B 139 20.56 11.40 14.77
N GLY B 140 19.48 11.76 14.08
CA GLY B 140 18.39 12.51 14.73
C GLY B 140 17.94 11.84 16.01
N MET B 141 17.68 10.53 15.98
CA MET B 141 17.05 9.85 17.14
C MET B 141 18.11 9.69 18.24
N GLU B 142 19.38 9.50 17.90
CA GLU B 142 20.51 9.49 18.88
C GLU B 142 20.44 10.76 19.74
N TYR B 143 20.36 11.92 19.08
CA TYR B 143 20.39 13.26 19.69
C TYR B 143 19.16 13.43 20.58
N LEU B 144 17.96 13.08 20.12
CA LEU B 144 16.72 13.27 20.95
C LEU B 144 16.76 12.29 22.15
N SER B 145 17.11 11.04 21.92
CA SER B 145 17.27 9.98 22.96
C SER B 145 18.18 10.51 24.09
N ASN B 146 19.31 11.13 23.74
CA ASN B 146 20.29 11.67 24.73
C ASN B 146 19.58 12.65 25.69
N ARG B 147 18.70 13.52 25.19
CA ARG B 147 17.92 14.50 25.99
C ARG B 147 16.65 13.87 26.57
N ASN B 148 16.57 12.53 26.63
CA ASN B 148 15.41 11.76 27.16
C ASN B 148 14.11 12.25 26.54
N PHE B 149 14.11 12.59 25.26
CA PHE B 149 12.91 13.00 24.48
C PHE B 149 12.43 11.77 23.69
N LEU B 150 11.14 11.46 23.82
CA LEU B 150 10.48 10.33 23.12
C LEU B 150 9.68 10.87 21.95
N HIS B 151 9.93 10.32 20.75
CA HIS B 151 9.26 10.68 19.47
C HIS B 151 7.82 10.16 19.50
N ARG B 152 7.62 8.85 19.55
CA ARG B 152 6.30 8.21 19.75
C ARG B 152 5.55 8.11 18.43
N ASP B 153 6.17 8.45 17.30
CA ASP B 153 5.45 8.47 16.00
C ASP B 153 6.48 8.39 14.87
N LEU B 154 7.55 7.63 15.07
CA LEU B 154 8.60 7.45 14.05
C LEU B 154 8.04 6.54 12.96
N ALA B 155 8.21 6.95 11.71
CA ALA B 155 7.68 6.30 10.48
C ALA B 155 8.26 7.10 9.33
N ALA B 156 8.42 6.52 8.15
CA ALA B 156 9.05 7.21 7.01
C ALA B 156 8.20 8.42 6.61
N ARG B 157 6.88 8.41 6.87
CA ARG B 157 5.96 9.50 6.45
C ARG B 157 6.24 10.74 7.30
N ASN B 158 6.89 10.56 8.45
CA ASN B 158 7.20 11.61 9.44
C ASN B 158 8.69 12.00 9.39
N CYS B 159 9.45 11.52 8.41
CA CYS B 159 10.84 11.97 8.15
C CYS B 159 10.83 12.96 6.99
N MET B 160 11.40 14.16 7.15
CA MET B 160 11.37 15.21 6.09
C MET B 160 12.71 15.21 5.36
N LEU B 161 12.69 15.48 4.04
CA LEU B 161 13.93 15.68 3.22
C LEU B 161 14.27 17.17 3.08
N ARG B 162 15.47 17.57 3.49
CA ARG B 162 15.97 18.97 3.40
C ARG B 162 16.45 19.16 1.97
N ASP B 163 16.74 20.42 1.59
CA ASP B 163 17.16 20.80 0.21
C ASP B 163 18.45 20.04 -0.18
N ASP B 164 19.34 19.73 0.78
CA ASP B 164 20.61 19.02 0.51
C ASP B 164 20.38 17.50 0.42
N MET B 165 19.12 17.04 0.54
CA MET B 165 18.68 15.61 0.52
C MET B 165 19.05 14.86 1.82
N THR B 166 19.48 15.54 2.89
CA THR B 166 19.68 14.92 4.23
C THR B 166 18.31 14.77 4.90
N VAL B 167 18.12 13.72 5.68
CA VAL B 167 16.81 13.46 6.34
C VAL B 167 16.84 14.04 7.74
N CYS B 168 15.76 14.67 8.15
CA CYS B 168 15.50 15.04 9.55
C CYS B 168 14.19 14.38 9.99
N VAL B 169 14.16 14.03 11.28
CA VAL B 169 13.04 13.50 12.08
C VAL B 169 12.06 14.66 12.30
N ALA B 170 10.75 14.41 12.37
CA ALA B 170 9.72 15.47 12.48
C ALA B 170 8.45 14.91 13.14
N ASP B 171 7.37 15.72 13.18
CA ASP B 171 6.00 15.34 13.60
C ASP B 171 6.03 14.61 14.95
N PHE B 172 6.89 15.01 15.89
CA PHE B 172 6.97 14.48 17.28
C PHE B 172 6.21 15.41 18.24
N GLY B 173 4.93 15.11 18.55
CA GLY B 173 4.11 15.74 19.62
C GLY B 173 3.69 17.17 19.28
N PRO B 193 -1.23 4.23 14.77
CA PRO B 193 -0.44 3.57 13.71
C PRO B 193 0.08 2.21 14.18
N VAL B 194 -0.81 1.23 14.40
CA VAL B 194 -0.51 -0.01 15.16
C VAL B 194 0.68 -0.78 14.54
N LYS B 195 0.90 -0.70 13.23
CA LYS B 195 1.95 -1.51 12.57
C LYS B 195 3.34 -0.92 12.82
N TRP B 196 3.44 0.21 13.54
CA TRP B 196 4.74 0.78 13.99
C TRP B 196 4.92 0.62 15.51
N ILE B 197 3.87 0.27 16.23
CA ILE B 197 3.84 0.20 17.72
C ILE B 197 4.45 -1.11 18.18
N ALA B 198 5.44 -1.01 19.08
CA ALA B 198 6.21 -2.13 19.65
C ALA B 198 5.28 -2.95 20.54
N ILE B 199 5.53 -4.26 20.61
CA ILE B 199 4.71 -5.28 21.29
C ILE B 199 4.42 -4.86 22.74
N GLU B 200 5.40 -4.30 23.47
CA GLU B 200 5.21 -3.92 24.89
C GLU B 200 4.23 -2.72 24.96
N SER B 201 4.28 -1.83 23.96
CA SER B 201 3.41 -0.63 23.88
C SER B 201 2.00 -1.02 23.45
N LEU B 202 1.86 -2.03 22.58
CA LEU B 202 0.52 -2.60 22.22
C LEU B 202 -0.13 -3.21 23.47
N ALA B 203 0.61 -4.02 24.23
CA ALA B 203 0.10 -4.66 25.46
C ALA B 203 -0.21 -3.57 26.49
N ASP B 204 0.80 -3.04 27.18
CA ASP B 204 0.66 -2.37 28.50
C ASP B 204 0.33 -0.87 28.36
N ARG B 205 0.32 -0.34 27.14
CA ARG B 205 0.30 1.11 26.86
C ARG B 205 1.47 1.80 27.58
N VAL B 206 2.66 1.16 27.58
CA VAL B 206 3.97 1.71 28.05
C VAL B 206 4.77 2.17 26.82
N TYR B 207 5.65 3.17 26.96
CA TYR B 207 6.46 3.70 25.83
C TYR B 207 7.79 4.26 26.36
N THR B 208 8.90 3.68 25.91
CA THR B 208 10.30 4.08 26.22
C THR B 208 11.03 4.40 24.91
N SER B 209 12.24 4.95 25.00
CA SER B 209 13.18 5.14 23.86
C SER B 209 13.35 3.83 23.07
N LYS B 210 13.14 2.71 23.74
CA LYS B 210 13.30 1.37 23.13
C LYS B 210 12.09 1.04 22.23
N SER B 211 10.91 1.61 22.49
CA SER B 211 9.73 1.52 21.59
C SER B 211 10.02 2.36 20.33
N ASP B 212 10.67 3.51 20.51
CA ASP B 212 11.16 4.39 19.41
C ASP B 212 12.10 3.55 18.53
N VAL B 213 13.00 2.78 19.14
CA VAL B 213 13.94 1.87 18.40
C VAL B 213 13.13 0.87 17.55
N TRP B 214 12.01 0.37 18.06
CA TRP B 214 11.13 -0.59 17.34
C TRP B 214 10.57 0.13 16.11
N ALA B 215 10.00 1.32 16.30
CA ALA B 215 9.47 2.16 15.20
C ALA B 215 10.60 2.44 14.19
N PHE B 216 11.85 2.58 14.64
CA PHE B 216 13.01 2.85 13.76
C PHE B 216 13.31 1.67 12.81
N GLY B 217 13.27 0.44 13.32
CA GLY B 217 13.47 -0.77 12.49
C GLY B 217 12.38 -0.90 11.44
N VAL B 218 11.13 -0.62 11.81
CA VAL B 218 9.99 -0.62 10.84
C VAL B 218 10.26 0.45 9.79
N THR B 219 10.76 1.61 10.20
CA THR B 219 11.08 2.72 9.29
C THR B 219 12.22 2.24 8.38
N MET B 220 13.22 1.58 8.95
CA MET B 220 14.34 1.01 8.15
C MET B 220 13.76 0.07 7.09
N TRP B 221 12.69 -0.67 7.41
CA TRP B 221 12.04 -1.66 6.52
C TRP B 221 11.29 -0.90 5.42
N GLU B 222 10.46 0.05 5.79
CA GLU B 222 9.81 0.98 4.83
C GLU B 222 10.83 1.51 3.82
N ILE B 223 12.05 1.83 4.24
CA ILE B 223 13.09 2.39 3.31
C ILE B 223 13.68 1.26 2.45
N ALA B 224 14.03 0.12 3.03
CA ALA B 224 14.60 -1.05 2.32
C ALA B 224 13.60 -1.55 1.28
N THR B 225 12.30 -1.55 1.60
CA THR B 225 11.19 -1.89 0.67
C THR B 225 10.84 -0.70 -0.23
N ARG B 226 11.46 0.46 -0.06
CA ARG B 226 11.10 1.70 -0.80
C ARG B 226 9.59 1.90 -0.75
N GLY B 227 8.95 1.75 0.41
CA GLY B 227 7.62 2.31 0.69
C GLY B 227 6.51 1.29 0.83
N MET B 228 6.79 -0.02 0.92
CA MET B 228 5.72 -1.03 1.15
C MET B 228 5.11 -0.73 2.52
N THR B 229 3.82 -1.01 2.72
CA THR B 229 3.21 -1.01 4.06
C THR B 229 3.84 -2.18 4.79
N PRO B 230 4.18 -2.03 6.09
CA PRO B 230 4.64 -3.18 6.87
C PRO B 230 3.56 -4.29 6.92
N TYR B 231 4.01 -5.53 7.09
CA TYR B 231 3.19 -6.76 7.29
C TYR B 231 2.21 -6.92 6.13
N PRO B 232 2.68 -7.15 4.89
CA PRO B 232 1.79 -7.54 3.80
C PRO B 232 1.00 -8.81 4.15
N GLY B 233 -0.28 -8.87 3.76
CA GLY B 233 -1.21 -9.97 4.11
C GLY B 233 -1.37 -10.13 5.62
N VAL B 234 -1.25 -9.05 6.39
CA VAL B 234 -1.64 -9.05 7.83
C VAL B 234 -2.38 -7.76 8.13
N GLN B 235 -3.48 -7.88 8.86
CA GLN B 235 -4.44 -6.79 9.07
C GLN B 235 -4.10 -6.19 10.41
N ASN B 236 -4.53 -4.96 10.64
CA ASN B 236 -4.18 -4.16 11.85
C ASN B 236 -4.59 -4.92 13.10
N HIS B 237 -5.81 -5.49 13.14
CA HIS B 237 -6.43 -6.18 14.30
C HIS B 237 -5.71 -7.51 14.63
N GLU B 238 -5.00 -8.10 13.68
CA GLU B 238 -4.26 -9.37 13.84
C GLU B 238 -2.86 -9.09 14.43
N MET B 239 -2.44 -7.82 14.52
CA MET B 239 -1.00 -7.45 14.70
C MET B 239 -0.45 -7.91 16.04
N TYR B 240 -1.15 -7.65 17.15
CA TYR B 240 -0.66 -8.04 18.49
C TYR B 240 -0.41 -9.57 18.53
N ASP B 241 -1.34 -10.37 18.03
CA ASP B 241 -1.26 -11.86 18.14
C ASP B 241 -0.23 -12.38 17.16
N TYR B 242 -0.11 -11.75 15.99
CA TYR B 242 0.96 -12.03 15.01
C TYR B 242 2.33 -11.87 15.72
N LEU B 243 2.52 -10.80 16.48
CA LEU B 243 3.82 -10.48 17.13
C LEU B 243 4.03 -11.39 18.33
N LEU B 244 2.95 -11.67 19.07
CA LEU B 244 2.97 -12.48 20.31
C LEU B 244 3.42 -13.91 20.00
N HIS B 245 3.08 -14.44 18.83
CA HIS B 245 3.48 -15.79 18.35
C HIS B 245 4.91 -15.74 17.79
N GLY B 246 5.59 -14.59 17.89
CA GLY B 246 7.02 -14.39 17.57
C GLY B 246 7.31 -14.01 16.12
N HIS B 247 6.28 -13.66 15.33
CA HIS B 247 6.42 -13.33 13.88
C HIS B 247 6.91 -11.89 13.75
N ARG B 248 7.78 -11.62 12.78
CA ARG B 248 8.37 -10.26 12.56
C ARG B 248 8.24 -9.89 11.10
N LEU B 249 8.50 -8.62 10.78
CA LEU B 249 8.69 -8.13 9.38
C LEU B 249 9.74 -9.01 8.68
N LYS B 250 9.48 -9.38 7.43
CA LYS B 250 10.28 -10.38 6.68
C LYS B 250 11.40 -9.64 5.95
N GLN B 251 12.57 -10.25 5.81
CA GLN B 251 13.71 -9.64 5.08
C GLN B 251 13.27 -9.28 3.66
N PRO B 252 13.30 -7.97 3.26
CA PRO B 252 13.11 -7.58 1.86
C PRO B 252 14.09 -8.22 0.87
N GLU B 253 13.76 -8.22 -0.43
CA GLU B 253 14.56 -8.87 -1.50
C GLU B 253 15.84 -8.05 -1.74
N ASP B 254 15.71 -6.72 -1.84
CA ASP B 254 16.88 -5.80 -1.91
C ASP B 254 17.86 -6.14 -0.75
N CYS B 255 17.34 -6.18 0.48
CA CYS B 255 18.03 -6.01 1.78
C CYS B 255 19.23 -6.96 1.96
N LEU B 256 20.39 -6.41 2.32
CA LEU B 256 21.61 -7.13 2.80
C LEU B 256 21.29 -7.84 4.10
N ASP B 257 21.81 -9.06 4.26
CA ASP B 257 21.72 -9.84 5.53
C ASP B 257 22.12 -8.93 6.70
N GLU B 258 23.30 -8.28 6.63
CA GLU B 258 23.84 -7.44 7.75
C GLU B 258 22.82 -6.35 8.11
N LEU B 259 22.18 -5.75 7.10
CA LEU B 259 21.14 -4.72 7.32
C LEU B 259 19.90 -5.35 7.95
N TYR B 260 19.50 -6.54 7.50
CA TYR B 260 18.31 -7.21 8.09
C TYR B 260 18.61 -7.61 9.55
N GLU B 261 19.85 -7.97 9.92
CA GLU B 261 20.23 -8.30 11.33
C GLU B 261 20.09 -7.04 12.20
N ILE B 262 20.49 -5.89 11.68
CA ILE B 262 20.34 -4.60 12.41
C ILE B 262 18.86 -4.31 12.65
N MET B 263 18.00 -4.38 11.63
CA MET B 263 16.58 -3.98 11.79
C MET B 263 15.83 -5.03 12.61
N TYR B 264 16.26 -6.31 12.56
CA TYR B 264 15.68 -7.41 13.37
C TYR B 264 15.97 -7.15 14.86
N SER B 265 17.14 -6.61 15.18
CA SER B 265 17.54 -6.33 16.58
C SER B 265 16.59 -5.31 17.21
N CYS B 266 15.93 -4.47 16.40
CA CYS B 266 15.03 -3.40 16.88
C CYS B 266 13.70 -3.98 17.38
N TRP B 267 13.42 -5.27 17.10
CA TRP B 267 12.11 -5.93 17.34
C TRP B 267 12.26 -7.10 18.32
N ARG B 268 13.43 -7.28 18.93
CA ARG B 268 13.59 -8.25 20.06
C ARG B 268 12.46 -8.00 21.07
N THR B 269 11.90 -9.08 21.63
CA THR B 269 10.68 -9.06 22.48
C THR B 269 10.92 -8.15 23.68
N ASP B 270 12.02 -8.35 24.40
CA ASP B 270 12.39 -7.51 25.56
C ASP B 270 12.95 -6.17 25.07
N PRO B 271 12.32 -5.02 25.40
CA PRO B 271 12.90 -3.72 25.08
C PRO B 271 14.38 -3.63 25.46
N LEU B 272 14.73 -4.17 26.64
CA LEU B 272 16.11 -4.08 27.19
C LEU B 272 17.11 -4.74 26.25
N ASP B 273 16.68 -5.66 25.39
CA ASP B 273 17.58 -6.44 24.49
C ASP B 273 17.79 -5.69 23.17
N ARG B 274 16.98 -4.67 22.88
CA ARG B 274 17.13 -3.82 21.65
C ARG B 274 18.31 -2.85 21.84
N PRO B 275 19.16 -2.62 20.82
CA PRO B 275 20.25 -1.65 20.94
C PRO B 275 19.69 -0.24 21.13
N THR B 276 20.56 0.68 21.56
CA THR B 276 20.26 2.13 21.64
C THR B 276 20.48 2.75 20.28
N PHE B 277 19.97 3.96 20.07
CA PHE B 277 20.11 4.73 18.82
C PHE B 277 21.58 4.99 18.54
N SER B 278 22.39 5.17 19.58
CA SER B 278 23.85 5.46 19.43
C SER B 278 24.57 4.17 18.98
N VAL B 279 24.17 3.02 19.49
CA VAL B 279 24.68 1.73 18.95
C VAL B 279 24.24 1.54 17.49
N LEU B 280 22.96 1.78 17.22
CA LEU B 280 22.36 1.60 15.86
C LEU B 280 23.08 2.54 14.88
N ARG B 281 23.22 3.81 15.25
CA ARG B 281 23.79 4.83 14.34
C ARG B 281 25.13 4.31 13.83
N LEU B 282 25.91 3.71 14.72
CA LEU B 282 27.31 3.34 14.41
C LEU B 282 27.32 2.03 13.64
N GLN B 283 26.38 1.12 13.90
CA GLN B 283 26.22 -0.14 13.10
C GLN B 283 25.97 0.29 11.65
N LEU B 284 24.99 1.17 11.43
CA LEU B 284 24.65 1.72 10.09
C LEU B 284 25.84 2.50 9.50
N GLU B 285 26.43 3.46 10.22
CA GLU B 285 27.58 4.28 9.72
C GLU B 285 28.68 3.31 9.23
N LYS B 286 28.93 2.23 9.97
CA LYS B 286 30.03 1.29 9.69
C LYS B 286 29.70 0.43 8.46
N LEU B 287 28.45 -0.02 8.34
CA LEU B 287 27.96 -0.82 7.18
C LEU B 287 28.03 0.02 5.90
N LEU B 288 27.62 1.28 5.96
CA LEU B 288 27.68 2.23 4.81
C LEU B 288 29.13 2.34 4.34
N GLU B 289 30.08 2.39 5.28
CA GLU B 289 31.52 2.61 4.99
C GLU B 289 32.10 1.42 4.21
N SER B 290 31.47 0.23 4.25
CA SER B 290 32.03 -1.03 3.71
C SER B 290 31.46 -1.39 2.32
N LEU B 291 31.15 -0.41 1.46
CA LEU B 291 30.62 -0.66 0.08
C LEU B 291 31.47 0.10 -0.95
#